data_3OZ1
#
_entry.id   3OZ1
#
_cell.length_a   113.589
_cell.length_b   114.630
_cell.length_c   92.962
_cell.angle_alpha   90.00
_cell.angle_beta   90.00
_cell.angle_gamma   90.00
#
_symmetry.space_group_name_H-M   'C 2 2 2'
#
loop_
_entity.id
_entity.type
_entity.pdbx_description
1 polymer 'Baculoviral IAP repeat-containing protein 2'
2 non-polymer 'ZINC ION'
3 non-polymer (3S,6S,7R,9aS)-7-[2-(benzylamino)ethyl]-N-(diphenylmethyl)-6-{[(2S)-2-(methylamino)butanoyl]amino}-5-oxooctahydro-1H-pyrrolo[1,2-a]azepine-3-carboxamide
4 water water
#
_entity_poly.entity_id   1
_entity_poly.type   'polypeptide(L)'
_entity_poly.pdbx_seq_one_letter_code
;MENSLETLRFSISNLSMQTHAARMRTFMYWPSSVPVQPEQLASAGFYYVGRNDDVKCFCCDGGLRCWESGDDPWVEHAKW
FPRCEFLIRMKGQEFVDEIQGRYPHLLEQLLSTSLEHHHHHH
;
_entity_poly.pdbx_strand_id   A,B,C,D
#
loop_
_chem_comp.id
_chem_comp.type
_chem_comp.name
_chem_comp.formula
BMB non-polymer (3S,6S,7R,9aS)-7-[2-(benzylamino)ethyl]-N-(diphenylmethyl)-6-{[(2S)-2-(methylamino)butanoyl]amino}-5-oxooctahydro-1H-pyrrolo[1,2-a]azepine-3-carboxamide 'C37 H47 N5 O3'
ZN non-polymer 'ZINC ION' 'Zn 2'
#
# COMPACT_ATOMS: atom_id res chain seq x y z
N PHE A 10 -10.35 22.23 -14.47
CA PHE A 10 -11.79 22.47 -14.63
C PHE A 10 -12.05 23.79 -15.39
N SER A 11 -12.61 23.68 -16.62
CA SER A 11 -12.90 24.88 -17.41
C SER A 11 -14.35 24.94 -17.85
N ILE A 12 -15.05 25.99 -17.40
CA ILE A 12 -16.45 26.31 -17.69
C ILE A 12 -16.51 27.04 -19.04
N SER A 13 -17.67 27.02 -19.71
CA SER A 13 -17.88 27.77 -20.95
C SER A 13 -18.58 29.08 -20.68
N ASN A 14 -19.55 29.10 -19.76
CA ASN A 14 -20.34 30.29 -19.43
C ASN A 14 -20.42 30.50 -17.90
N LEU A 15 -19.46 31.25 -17.35
CA LEU A 15 -19.34 31.56 -15.92
C LEU A 15 -20.59 32.22 -15.34
N SER A 16 -21.32 33.00 -16.16
CA SER A 16 -22.54 33.71 -15.72
C SER A 16 -23.69 32.77 -15.40
N MET A 17 -23.74 31.60 -16.05
CA MET A 17 -24.76 30.57 -15.92
C MET A 17 -24.37 29.42 -14.98
N GLN A 18 -23.36 29.69 -14.13
CA GLN A 18 -22.74 28.80 -13.15
C GLN A 18 -23.71 28.26 -12.12
N THR A 19 -24.63 29.12 -11.63
CA THR A 19 -25.61 28.82 -10.57
C THR A 19 -26.99 28.42 -11.12
N HIS A 20 -27.74 27.63 -10.32
CA HIS A 20 -29.07 27.17 -10.67
C HIS A 20 -30.04 28.33 -10.83
N ALA A 21 -29.94 29.33 -9.93
CA ALA A 21 -30.78 30.54 -9.93
C ALA A 21 -30.61 31.32 -11.24
N ALA A 22 -29.38 31.45 -11.72
CA ALA A 22 -29.06 32.15 -12.95
C ALA A 22 -29.69 31.45 -14.14
N ARG A 23 -29.62 30.11 -14.21
CA ARG A 23 -30.18 29.34 -15.31
C ARG A 23 -31.71 29.39 -15.32
N MET A 24 -32.31 29.31 -14.12
CA MET A 24 -33.76 29.43 -13.93
C MET A 24 -34.31 30.75 -14.52
N ARG A 25 -33.58 31.87 -14.30
CA ARG A 25 -33.90 33.20 -14.81
C ARG A 25 -34.06 33.16 -16.33
N THR A 26 -33.24 32.36 -17.04
CA THR A 26 -33.28 32.27 -18.51
C THR A 26 -34.57 31.62 -19.02
N PHE A 27 -35.26 30.81 -18.19
CA PHE A 27 -36.49 30.12 -18.59
C PHE A 27 -37.75 30.92 -18.37
N MET A 28 -37.61 32.23 -18.12
CA MET A 28 -38.72 33.15 -17.91
C MET A 28 -39.66 33.15 -19.10
N TYR A 29 -39.08 33.13 -20.35
CA TYR A 29 -39.82 33.13 -21.60
C TYR A 29 -39.67 31.77 -22.32
N TRP A 30 -39.57 30.69 -21.54
CA TRP A 30 -39.51 29.30 -22.03
C TRP A 30 -40.94 28.95 -22.51
N PRO A 31 -41.11 28.37 -23.74
CA PRO A 31 -42.48 28.07 -24.22
C PRO A 31 -43.26 27.12 -23.31
N SER A 32 -44.43 27.57 -22.81
CA SER A 32 -45.31 26.79 -21.92
C SER A 32 -45.69 25.41 -22.50
N SER A 33 -45.69 25.29 -23.85
CA SER A 33 -46.02 24.10 -24.62
C SER A 33 -44.99 22.96 -24.56
N VAL A 34 -43.70 23.26 -24.24
CA VAL A 34 -42.59 22.27 -24.17
C VAL A 34 -42.80 21.28 -22.99
N PRO A 35 -42.76 19.93 -23.25
CA PRO A 35 -43.03 18.94 -22.19
C PRO A 35 -41.92 18.61 -21.18
N VAL A 36 -40.86 19.43 -21.14
CA VAL A 36 -39.78 19.29 -20.17
C VAL A 36 -39.79 20.56 -19.32
N GLN A 37 -39.65 20.41 -18.01
CA GLN A 37 -39.71 21.55 -17.10
C GLN A 37 -38.38 22.27 -16.78
N PRO A 38 -38.38 23.63 -16.83
CA PRO A 38 -37.16 24.39 -16.52
C PRO A 38 -36.28 23.89 -15.38
N GLU A 39 -36.85 23.57 -14.21
CA GLU A 39 -36.09 23.09 -13.06
C GLU A 39 -35.29 21.80 -13.35
N GLN A 40 -35.86 20.90 -14.18
CA GLN A 40 -35.21 19.66 -14.58
C GLN A 40 -34.02 20.01 -15.49
N LEU A 41 -34.23 20.96 -16.42
CA LEU A 41 -33.16 21.36 -17.32
C LEU A 41 -32.11 22.18 -16.60
N ALA A 42 -32.49 23.09 -15.70
CA ALA A 42 -31.55 23.96 -14.99
C ALA A 42 -30.67 23.14 -14.09
N SER A 43 -31.25 22.07 -13.51
CA SER A 43 -30.56 21.10 -12.63
C SER A 43 -29.55 20.30 -13.39
N ALA A 44 -29.81 19.98 -14.67
CA ALA A 44 -28.84 19.25 -15.51
C ALA A 44 -27.77 20.18 -16.08
N GLY A 45 -27.69 21.42 -15.56
CA GLY A 45 -26.74 22.45 -15.91
C GLY A 45 -27.07 23.25 -17.15
N PHE A 46 -28.32 23.18 -17.63
CA PHE A 46 -28.80 23.83 -18.83
C PHE A 46 -29.52 25.15 -18.62
N TYR A 47 -29.37 26.11 -19.58
CA TYR A 47 -30.05 27.42 -19.62
C TYR A 47 -30.64 27.68 -21.03
N TYR A 48 -31.70 28.48 -21.11
CA TYR A 48 -32.40 28.79 -22.35
C TYR A 48 -31.63 29.81 -23.18
N VAL A 49 -31.42 29.51 -24.48
CA VAL A 49 -30.68 30.40 -25.37
C VAL A 49 -31.53 31.38 -26.19
N GLY A 50 -32.85 31.44 -25.90
CA GLY A 50 -33.77 32.38 -26.55
C GLY A 50 -34.41 32.03 -27.88
N ARG A 51 -33.88 31.06 -28.65
CA ARG A 51 -34.48 30.66 -29.93
C ARG A 51 -35.11 29.27 -29.75
N ASN A 52 -36.24 28.94 -30.44
CA ASN A 52 -36.92 27.64 -30.35
C ASN A 52 -37.04 27.12 -28.89
N ASP A 53 -36.60 25.85 -28.63
CA ASP A 53 -36.55 25.24 -27.27
C ASP A 53 -35.08 24.87 -27.00
N ASP A 54 -34.19 25.65 -27.62
CA ASP A 54 -32.75 25.47 -27.59
C ASP A 54 -32.18 25.81 -26.22
N VAL A 55 -31.53 24.81 -25.58
CA VAL A 55 -30.83 24.94 -24.29
C VAL A 55 -29.33 24.61 -24.45
N LYS A 56 -28.46 25.29 -23.68
CA LYS A 56 -27.03 25.01 -23.69
C LYS A 56 -26.55 24.70 -22.26
N CYS A 57 -25.52 23.80 -22.07
CA CYS A 57 -24.91 23.49 -20.76
C CYS A 57 -23.88 24.57 -20.45
N PHE A 58 -23.95 25.20 -19.27
CA PHE A 58 -23.00 26.26 -18.86
C PHE A 58 -21.52 25.82 -18.84
N CYS A 59 -21.29 24.50 -18.68
CA CYS A 59 -19.96 23.91 -18.56
C CYS A 59 -19.37 23.48 -19.88
N CYS A 60 -19.93 22.44 -20.53
CA CYS A 60 -19.42 21.90 -21.80
C CYS A 60 -19.86 22.64 -23.04
N ASP A 61 -20.76 23.63 -22.90
CA ASP A 61 -21.33 24.40 -24.01
C ASP A 61 -22.23 23.53 -24.96
N GLY A 62 -22.59 22.34 -24.50
CA GLY A 62 -23.43 21.42 -25.23
C GLY A 62 -24.84 21.94 -25.43
N GLY A 63 -25.34 21.87 -26.66
CA GLY A 63 -26.67 22.33 -27.01
C GLY A 63 -27.64 21.22 -27.30
N LEU A 64 -28.86 21.34 -26.77
CA LEU A 64 -29.93 20.38 -27.01
C LEU A 64 -31.22 21.08 -27.39
N ARG A 65 -32.02 20.43 -28.22
CA ARG A 65 -33.32 20.96 -28.67
C ARG A 65 -34.29 19.80 -28.98
N CYS A 66 -35.50 20.14 -29.45
CA CYS A 66 -36.54 19.19 -29.82
C CYS A 66 -36.96 18.26 -28.72
N TRP A 67 -37.10 18.84 -27.52
CA TRP A 67 -37.53 18.18 -26.29
C TRP A 67 -38.91 17.55 -26.43
N GLU A 68 -38.97 16.22 -26.32
CA GLU A 68 -40.18 15.41 -26.40
C GLU A 68 -40.60 15.00 -24.99
N SER A 69 -41.82 14.47 -24.87
CA SER A 69 -42.34 14.03 -23.58
C SER A 69 -41.59 12.78 -23.15
N GLY A 70 -41.22 12.77 -21.86
CA GLY A 70 -40.47 11.67 -21.25
C GLY A 70 -38.97 11.79 -21.32
N ASP A 71 -38.46 12.82 -22.03
CA ASP A 71 -37.03 13.09 -22.18
C ASP A 71 -36.40 13.45 -20.82
N ASP A 72 -35.35 12.73 -20.37
CA ASP A 72 -34.66 13.01 -19.10
C ASP A 72 -33.40 13.83 -19.37
N PRO A 73 -33.37 15.12 -18.93
CA PRO A 73 -32.19 15.96 -19.21
C PRO A 73 -30.84 15.37 -18.85
N TRP A 74 -30.73 14.65 -17.70
CA TRP A 74 -29.46 14.04 -17.30
C TRP A 74 -29.04 12.96 -18.27
N VAL A 75 -30.01 12.13 -18.73
CA VAL A 75 -29.75 11.05 -19.69
C VAL A 75 -29.28 11.62 -21.01
N GLU A 76 -29.95 12.70 -21.49
CA GLU A 76 -29.63 13.38 -22.75
C GLU A 76 -28.25 14.03 -22.69
N HIS A 77 -27.90 14.62 -21.53
CA HIS A 77 -26.60 15.23 -21.27
C HIS A 77 -25.49 14.16 -21.43
N ALA A 78 -25.68 12.96 -20.80
CA ALA A 78 -24.79 11.80 -20.81
C ALA A 78 -24.71 11.12 -22.18
N LYS A 79 -25.85 11.11 -22.90
CA LYS A 79 -26.04 10.53 -24.21
C LYS A 79 -25.23 11.28 -25.29
N TRP A 80 -25.26 12.64 -25.30
CA TRP A 80 -24.62 13.47 -26.31
C TRP A 80 -23.28 14.12 -25.92
N PHE A 81 -23.12 14.52 -24.65
CA PHE A 81 -21.93 15.21 -24.13
C PHE A 81 -21.32 14.40 -22.95
N PRO A 82 -20.87 13.13 -23.20
CA PRO A 82 -20.38 12.29 -22.11
C PRO A 82 -19.11 12.76 -21.42
N ARG A 83 -18.33 13.62 -22.07
CA ARG A 83 -17.12 14.08 -21.41
C ARG A 83 -17.29 15.35 -20.54
N CYS A 84 -18.51 15.91 -20.45
CA CYS A 84 -18.77 17.11 -19.63
C CYS A 84 -18.33 16.91 -18.18
N GLU A 85 -17.41 17.78 -17.69
CA GLU A 85 -16.94 17.65 -16.31
C GLU A 85 -17.99 17.91 -15.24
N PHE A 86 -19.05 18.71 -15.56
CA PHE A 86 -20.15 18.96 -14.63
C PHE A 86 -21.02 17.71 -14.51
N LEU A 87 -21.42 17.11 -15.64
CA LEU A 87 -22.22 15.88 -15.71
C LEU A 87 -21.52 14.79 -14.91
N ILE A 88 -20.18 14.66 -15.07
CA ILE A 88 -19.37 13.68 -14.32
C ILE A 88 -19.35 13.93 -12.77
N ARG A 89 -19.05 15.16 -12.26
CA ARG A 89 -19.05 15.36 -10.79
C ARG A 89 -20.49 15.23 -10.26
N MET A 90 -21.52 15.50 -11.09
CA MET A 90 -22.91 15.39 -10.65
C MET A 90 -23.51 13.98 -10.67
N LYS A 91 -23.31 13.26 -11.76
CA LYS A 91 -23.88 11.93 -11.97
C LYS A 91 -22.90 10.75 -11.90
N GLY A 92 -21.59 11.02 -12.06
CA GLY A 92 -20.58 9.99 -11.97
C GLY A 92 -20.31 9.19 -13.23
N GLN A 93 -19.09 8.66 -13.33
CA GLN A 93 -18.62 7.85 -14.45
C GLN A 93 -19.46 6.61 -14.72
N GLU A 94 -19.95 5.92 -13.67
CA GLU A 94 -20.79 4.73 -13.82
C GLU A 94 -22.06 5.06 -14.63
N PHE A 95 -22.78 6.14 -14.27
CA PHE A 95 -24.00 6.57 -14.95
C PHE A 95 -23.69 6.89 -16.39
N VAL A 96 -22.66 7.73 -16.63
CA VAL A 96 -22.25 8.13 -17.98
C VAL A 96 -21.93 6.89 -18.83
N ASP A 97 -21.13 5.94 -18.30
CA ASP A 97 -20.77 4.69 -18.97
C ASP A 97 -21.99 3.81 -19.26
N GLU A 98 -23.01 3.82 -18.37
CA GLU A 98 -24.26 3.05 -18.51
C GLU A 98 -25.05 3.56 -19.70
N ILE A 99 -25.29 4.89 -19.78
CA ILE A 99 -26.03 5.58 -20.85
C ILE A 99 -25.29 5.36 -22.17
N GLN A 100 -23.94 5.47 -22.15
CA GLN A 100 -23.11 5.24 -23.32
C GLN A 100 -23.25 3.81 -23.84
N GLY A 101 -23.44 2.88 -22.93
CA GLY A 101 -23.65 1.47 -23.25
C GLY A 101 -25.03 1.24 -23.84
N ARG A 102 -26.03 2.06 -23.44
CA ARG A 102 -27.41 1.95 -23.92
C ARG A 102 -27.55 2.43 -25.36
N TYR A 103 -26.70 3.37 -25.78
CA TYR A 103 -26.73 3.97 -27.12
C TYR A 103 -25.30 3.90 -27.70
N PRO A 104 -24.82 2.70 -28.08
CA PRO A 104 -23.41 2.60 -28.50
C PRO A 104 -23.01 2.98 -29.93
N HIS A 105 -23.94 3.52 -30.75
CA HIS A 105 -23.63 3.89 -32.13
C HIS A 105 -24.37 5.18 -32.50
N LEU A 106 -24.34 6.16 -31.57
CA LEU A 106 -25.02 7.44 -31.65
C LEU A 106 -24.59 8.31 -32.81
N LEU A 107 -23.28 8.32 -33.12
CA LEU A 107 -22.71 9.06 -34.22
C LEU A 107 -23.38 8.53 -35.49
N GLU A 108 -23.43 7.18 -35.67
CA GLU A 108 -24.10 6.56 -36.81
C GLU A 108 -25.63 6.58 -36.75
N GLN A 109 -26.18 6.91 -35.57
CA GLN A 109 -27.61 7.12 -35.40
C GLN A 109 -27.89 8.49 -36.02
N LEU A 110 -27.19 9.57 -35.58
CA LEU A 110 -27.42 10.90 -36.19
C LEU A 110 -26.81 11.11 -37.57
N LEU A 111 -25.96 10.20 -38.03
CA LEU A 111 -25.41 10.36 -39.37
C LEU A 111 -26.22 9.44 -40.30
N SER A 112 -27.52 9.80 -40.47
CA SER A 112 -28.57 9.12 -41.26
C SER A 112 -28.79 7.66 -40.84
N PHE B 10 -0.33 12.02 -3.74
CA PHE B 10 -1.52 12.15 -4.58
C PHE B 10 -2.81 12.00 -3.75
N SER B 11 -3.97 12.39 -4.33
CA SER B 11 -5.31 12.23 -3.75
C SER B 11 -5.53 10.77 -3.26
N ILE B 12 -4.78 9.80 -3.87
CA ILE B 12 -4.77 8.35 -3.60
C ILE B 12 -3.94 7.99 -2.35
N SER B 13 -4.39 6.98 -1.53
CA SER B 13 -3.71 6.52 -0.29
C SER B 13 -2.86 5.28 -0.49
N ASN B 14 -3.29 4.36 -1.37
CA ASN B 14 -2.61 3.11 -1.66
C ASN B 14 -2.55 2.87 -3.18
N LEU B 15 -1.51 3.42 -3.82
CA LEU B 15 -1.26 3.34 -5.27
C LEU B 15 -1.25 1.90 -5.81
N SER B 16 -0.83 0.92 -4.98
CA SER B 16 -0.76 -0.48 -5.39
C SER B 16 -2.11 -1.11 -5.61
N MET B 17 -3.11 -0.63 -4.88
CA MET B 17 -4.48 -1.14 -4.91
C MET B 17 -5.43 -0.32 -5.84
N GLN B 18 -4.85 0.50 -6.69
CA GLN B 18 -5.50 1.36 -7.69
C GLN B 18 -6.45 0.59 -8.63
N THR B 19 -5.98 -0.55 -9.17
CA THR B 19 -6.72 -1.38 -10.10
C THR B 19 -7.64 -2.41 -9.42
N HIS B 20 -8.77 -2.74 -10.07
CA HIS B 20 -9.75 -3.71 -9.63
C HIS B 20 -9.08 -5.11 -9.50
N ALA B 21 -8.23 -5.49 -10.46
CA ALA B 21 -7.53 -6.77 -10.45
C ALA B 21 -6.68 -6.94 -9.21
N ALA B 22 -5.94 -5.86 -8.82
CA ALA B 22 -5.08 -5.86 -7.64
C ALA B 22 -5.90 -6.07 -6.38
N ARG B 23 -7.02 -5.33 -6.28
CA ARG B 23 -7.97 -5.40 -5.18
C ARG B 23 -8.54 -6.79 -5.01
N MET B 24 -9.00 -7.41 -6.11
CA MET B 24 -9.58 -8.77 -6.17
C MET B 24 -8.60 -9.84 -5.61
N ARG B 25 -7.29 -9.67 -5.90
CA ARG B 25 -6.24 -10.57 -5.45
C ARG B 25 -6.16 -10.64 -3.91
N THR B 26 -6.51 -9.55 -3.21
CA THR B 26 -6.48 -9.46 -1.76
C THR B 26 -7.59 -10.31 -1.12
N PHE B 27 -8.66 -10.61 -1.87
CA PHE B 27 -9.79 -11.38 -1.34
C PHE B 27 -9.63 -12.90 -1.42
N MET B 28 -8.40 -13.36 -1.70
CA MET B 28 -8.08 -14.79 -1.77
C MET B 28 -8.39 -15.54 -0.47
N TYR B 29 -8.11 -14.90 0.66
CA TYR B 29 -8.35 -15.44 1.99
C TYR B 29 -9.52 -14.69 2.68
N TRP B 30 -10.49 -14.19 1.88
CA TRP B 30 -11.71 -13.51 2.36
C TRP B 30 -12.60 -14.61 2.97
N PRO B 31 -13.14 -14.42 4.21
CA PRO B 31 -13.98 -15.49 4.81
C PRO B 31 -15.23 -15.83 4.01
N SER B 32 -15.35 -17.12 3.62
CA SER B 32 -16.46 -17.67 2.84
C SER B 32 -17.83 -17.36 3.45
N SER B 33 -17.87 -17.19 4.79
CA SER B 33 -19.06 -16.89 5.59
C SER B 33 -19.63 -15.48 5.40
N VAL B 34 -18.81 -14.48 4.96
CA VAL B 34 -19.22 -13.08 4.78
C VAL B 34 -20.24 -12.92 3.63
N PRO B 35 -21.42 -12.26 3.88
CA PRO B 35 -22.47 -12.18 2.84
C PRO B 35 -22.33 -11.11 1.75
N VAL B 36 -21.13 -10.49 1.63
CA VAL B 36 -20.85 -9.49 0.59
C VAL B 36 -19.79 -10.11 -0.26
N GLN B 37 -19.94 -10.02 -1.59
CA GLN B 37 -18.96 -10.66 -2.49
C GLN B 37 -17.76 -9.79 -2.86
N PRO B 38 -16.53 -10.36 -2.85
CA PRO B 38 -15.32 -9.60 -3.25
C PRO B 38 -15.46 -8.65 -4.44
N GLU B 39 -16.08 -9.12 -5.52
CA GLU B 39 -16.36 -8.39 -6.76
C GLU B 39 -17.06 -7.05 -6.49
N GLN B 40 -18.05 -7.05 -5.59
CA GLN B 40 -18.81 -5.86 -5.21
C GLN B 40 -17.95 -4.91 -4.41
N LEU B 41 -17.13 -5.46 -3.50
CA LEU B 41 -16.26 -4.62 -2.68
C LEU B 41 -15.11 -4.02 -3.48
N ALA B 42 -14.46 -4.83 -4.36
CA ALA B 42 -13.33 -4.43 -5.21
C ALA B 42 -13.76 -3.31 -6.15
N SER B 43 -15.04 -3.37 -6.63
CA SER B 43 -15.68 -2.39 -7.52
C SER B 43 -15.92 -1.07 -6.80
N ALA B 44 -16.22 -1.09 -5.49
CA ALA B 44 -16.42 0.14 -4.74
C ALA B 44 -15.11 0.76 -4.26
N GLY B 45 -13.97 0.24 -4.75
CA GLY B 45 -12.63 0.68 -4.39
C GLY B 45 -12.06 0.07 -3.12
N PHE B 46 -12.62 -1.08 -2.67
CA PHE B 46 -12.21 -1.78 -1.44
C PHE B 46 -11.30 -3.01 -1.66
N TYR B 47 -10.30 -3.19 -0.77
CA TYR B 47 -9.39 -4.35 -0.74
C TYR B 47 -9.33 -4.90 0.69
N TYR B 48 -9.06 -6.20 0.81
CA TYR B 48 -9.06 -6.89 2.09
C TYR B 48 -7.79 -6.59 2.87
N VAL B 49 -7.97 -6.16 4.13
CA VAL B 49 -6.89 -5.84 5.07
C VAL B 49 -6.07 -7.11 5.47
N GLY B 50 -6.75 -8.25 5.60
CA GLY B 50 -6.15 -9.53 6.00
C GLY B 50 -6.66 -10.07 7.31
N ARG B 51 -7.41 -9.25 8.03
CA ARG B 51 -8.01 -9.68 9.29
C ARG B 51 -9.52 -9.51 9.20
N ASN B 52 -10.27 -10.49 9.76
CA ASN B 52 -11.73 -10.50 9.87
C ASN B 52 -12.44 -10.17 8.54
N ASP B 53 -13.29 -9.12 8.50
CA ASP B 53 -13.93 -8.64 7.27
C ASP B 53 -13.55 -7.17 7.00
N ASP B 54 -12.41 -6.75 7.59
CA ASP B 54 -11.90 -5.40 7.45
C ASP B 54 -11.43 -5.16 6.04
N VAL B 55 -12.08 -4.16 5.36
CA VAL B 55 -11.73 -3.67 4.01
C VAL B 55 -11.35 -2.20 4.07
N LYS B 56 -10.37 -1.78 3.27
CA LYS B 56 -10.03 -0.36 3.16
C LYS B 56 -10.22 0.14 1.69
N CYS B 57 -10.57 1.46 1.48
CA CYS B 57 -10.65 2.06 0.14
C CYS B 57 -9.24 2.51 -0.28
N PHE B 58 -8.77 2.11 -1.47
CA PHE B 58 -7.43 2.45 -1.97
C PHE B 58 -7.17 3.97 -2.08
N CYS B 59 -8.25 4.74 -2.21
CA CYS B 59 -8.21 6.19 -2.42
C CYS B 59 -8.28 6.98 -1.13
N CYS B 60 -9.43 6.96 -0.41
CA CYS B 60 -9.62 7.72 0.81
C CYS B 60 -9.04 7.10 2.06
N ASP B 61 -8.56 5.85 1.97
CA ASP B 61 -8.05 5.07 3.11
C ASP B 61 -9.17 4.71 4.11
N GLY B 62 -10.42 4.86 3.71
CA GLY B 62 -11.56 4.54 4.54
C GLY B 62 -11.70 3.06 4.82
N GLY B 63 -11.91 2.73 6.06
CA GLY B 63 -12.07 1.35 6.48
C GLY B 63 -13.49 1.01 6.87
N LEU B 64 -13.95 -0.17 6.43
CA LEU B 64 -15.28 -0.69 6.76
C LEU B 64 -15.18 -2.14 7.22
N ARG B 65 -16.07 -2.52 8.13
CA ARG B 65 -16.13 -3.88 8.66
C ARG B 65 -17.58 -4.26 9.07
N CYS B 66 -17.77 -5.47 9.61
CA CYS B 66 -19.07 -5.95 10.06
C CYS B 66 -20.15 -6.02 8.98
N TRP B 67 -19.75 -6.46 7.81
CA TRP B 67 -20.59 -6.63 6.63
C TRP B 67 -21.73 -7.60 6.84
N GLU B 68 -22.96 -7.08 6.73
CA GLU B 68 -24.21 -7.81 6.86
C GLU B 68 -24.82 -8.11 5.49
N SER B 69 -25.82 -8.99 5.44
CA SER B 69 -26.50 -9.33 4.19
C SER B 69 -27.30 -8.13 3.69
N GLY B 70 -27.19 -7.84 2.41
CA GLY B 70 -27.90 -6.72 1.80
C GLY B 70 -27.20 -5.38 1.85
N ASP B 71 -26.01 -5.35 2.49
CA ASP B 71 -25.15 -4.17 2.59
C ASP B 71 -24.58 -3.85 1.19
N ASP B 72 -24.82 -2.59 0.70
CA ASP B 72 -24.31 -2.16 -0.59
C ASP B 72 -23.01 -1.36 -0.40
N PRO B 73 -21.88 -1.90 -0.91
CA PRO B 73 -20.59 -1.21 -0.74
C PRO B 73 -20.55 0.26 -1.13
N TRP B 74 -21.20 0.61 -2.23
CA TRP B 74 -21.23 2.00 -2.69
C TRP B 74 -22.01 2.91 -1.72
N VAL B 75 -23.14 2.41 -1.18
CA VAL B 75 -23.95 3.14 -0.23
C VAL B 75 -23.17 3.38 1.06
N GLU B 76 -22.47 2.32 1.56
CA GLU B 76 -21.65 2.38 2.78
C GLU B 76 -20.48 3.34 2.62
N HIS B 77 -19.86 3.34 1.43
CA HIS B 77 -18.75 4.22 1.08
C HIS B 77 -19.22 5.68 1.22
N ALA B 78 -20.41 6.00 0.67
CA ALA B 78 -21.07 7.33 0.63
C ALA B 78 -21.56 7.76 2.00
N LYS B 79 -22.02 6.80 2.78
CA LYS B 79 -22.57 6.93 4.12
C LYS B 79 -21.48 7.39 5.11
N TRP B 80 -20.27 6.79 5.06
CA TRP B 80 -19.20 7.07 6.03
C TRP B 80 -18.03 7.97 5.54
N PHE B 81 -17.67 7.85 4.24
CA PHE B 81 -16.56 8.56 3.62
C PHE B 81 -17.08 9.38 2.42
N PRO B 82 -18.01 10.35 2.67
CA PRO B 82 -18.60 11.10 1.55
C PRO B 82 -17.64 12.01 0.79
N ARG B 83 -16.47 12.31 1.36
CA ARG B 83 -15.56 13.20 0.68
C ARG B 83 -14.56 12.48 -0.25
N CYS B 84 -14.60 11.12 -0.30
CA CYS B 84 -13.72 10.31 -1.15
C CYS B 84 -13.80 10.75 -2.62
N GLU B 85 -12.66 11.14 -3.20
CA GLU B 85 -12.66 11.58 -4.60
C GLU B 85 -12.95 10.49 -5.61
N PHE B 86 -12.67 9.22 -5.27
CA PHE B 86 -12.98 8.07 -6.14
C PHE B 86 -14.50 7.82 -6.15
N LEU B 87 -15.12 7.78 -4.97
CA LEU B 87 -16.56 7.61 -4.80
C LEU B 87 -17.30 8.69 -5.60
N ILE B 88 -16.83 9.95 -5.53
CA ILE B 88 -17.43 11.07 -6.27
C ILE B 88 -17.26 10.93 -7.79
N ARG B 89 -16.06 10.62 -8.30
CA ARG B 89 -15.88 10.42 -9.75
C ARG B 89 -16.69 9.23 -10.29
N MET B 90 -16.90 8.23 -9.43
CA MET B 90 -17.64 7.01 -9.80
C MET B 90 -19.15 7.08 -9.69
N LYS B 91 -19.64 7.61 -8.57
CA LYS B 91 -21.07 7.68 -8.29
C LYS B 91 -21.70 9.08 -8.34
N GLY B 92 -20.89 10.12 -8.25
CA GLY B 92 -21.36 11.49 -8.38
C GLY B 92 -21.90 12.15 -7.13
N GLN B 93 -21.84 13.50 -7.10
CA GLN B 93 -22.29 14.32 -5.98
C GLN B 93 -23.75 14.12 -5.61
N GLU B 94 -24.65 13.93 -6.61
CA GLU B 94 -26.08 13.71 -6.37
C GLU B 94 -26.29 12.46 -5.50
N PHE B 95 -25.66 11.32 -5.86
CA PHE B 95 -25.76 10.07 -5.11
C PHE B 95 -25.25 10.28 -3.70
N VAL B 96 -24.03 10.84 -3.57
CA VAL B 96 -23.42 11.09 -2.25
C VAL B 96 -24.35 11.94 -1.37
N ASP B 97 -24.89 13.04 -1.92
CA ASP B 97 -25.83 13.93 -1.23
C ASP B 97 -27.12 13.22 -0.82
N GLU B 98 -27.62 12.27 -1.64
CA GLU B 98 -28.83 11.47 -1.41
C GLU B 98 -28.63 10.57 -0.20
N ILE B 99 -27.54 9.80 -0.18
CA ILE B 99 -27.18 8.89 0.92
C ILE B 99 -26.95 9.69 2.20
N GLN B 100 -26.28 10.84 2.11
CA GLN B 100 -26.05 11.72 3.26
C GLN B 100 -27.38 12.21 3.88
N GLY B 101 -28.34 12.48 2.99
CA GLY B 101 -29.69 12.90 3.36
C GLY B 101 -30.49 11.75 3.96
N ARG B 102 -30.18 10.51 3.52
CA ARG B 102 -30.83 9.27 3.94
C ARG B 102 -30.46 8.86 5.34
N TYR B 103 -29.30 9.31 5.84
CA TYR B 103 -28.76 9.01 7.17
C TYR B 103 -28.26 10.29 7.83
N PRO B 104 -29.22 11.11 8.33
CA PRO B 104 -28.82 12.30 9.10
C PRO B 104 -28.05 11.97 10.39
N HIS B 105 -28.63 11.17 11.31
CA HIS B 105 -28.13 10.83 12.65
C HIS B 105 -27.10 9.71 12.70
N LEU B 106 -26.06 9.87 11.90
CA LEU B 106 -25.01 8.87 11.85
C LEU B 106 -24.12 8.94 13.07
N LEU B 107 -23.78 10.19 13.49
CA LEU B 107 -22.94 10.43 14.66
C LEU B 107 -23.64 9.91 15.91
N GLU B 108 -24.90 10.25 16.10
CA GLU B 108 -25.65 9.76 17.25
C GLU B 108 -25.71 8.26 17.28
N GLN B 109 -25.72 7.64 16.12
CA GLN B 109 -25.85 6.22 16.12
C GLN B 109 -24.68 5.59 16.82
N LEU B 110 -23.46 5.96 16.47
CA LEU B 110 -22.33 5.39 17.18
C LEU B 110 -22.16 5.84 18.61
N LEU B 111 -22.43 7.09 18.87
CA LEU B 111 -22.19 7.63 20.17
C LEU B 111 -22.99 6.82 21.15
N SER B 112 -24.18 6.39 20.74
CA SER B 112 -24.98 5.45 21.54
C SER B 112 -24.32 4.08 21.70
N THR B 113 -23.72 3.57 20.64
CA THR B 113 -23.05 2.27 20.70
C THR B 113 -21.53 2.41 20.73
N ARG C 9 12.66 -36.64 10.17
CA ARG C 9 12.89 -37.22 8.86
C ARG C 9 14.07 -36.54 8.22
N PHE C 10 14.36 -35.34 8.69
CA PHE C 10 15.54 -34.61 8.26
C PHE C 10 16.24 -33.94 9.43
N SER C 11 15.63 -32.90 9.96
CA SER C 11 16.19 -32.22 11.11
C SER C 11 15.39 -31.40 12.08
N ILE C 12 14.10 -31.59 11.95
CA ILE C 12 13.03 -30.81 12.46
C ILE C 12 13.30 -30.31 13.85
N SER C 13 13.39 -29.00 14.03
CA SER C 13 13.62 -28.40 15.36
C SER C 13 12.53 -28.74 16.36
N ASN C 14 11.28 -28.85 15.89
CA ASN C 14 10.11 -29.13 16.70
C ASN C 14 9.22 -30.21 16.09
N LEU C 15 9.51 -31.49 16.44
CA LEU C 15 8.78 -32.67 15.94
C LEU C 15 7.24 -32.60 16.16
N SER C 16 6.81 -31.95 17.27
CA SER C 16 5.42 -31.83 17.67
C SER C 16 4.62 -30.99 16.70
N MET C 17 5.29 -30.01 16.04
CA MET C 17 4.70 -29.05 15.10
C MET C 17 4.88 -29.42 13.62
N GLN C 18 5.20 -30.70 13.40
CA GLN C 18 5.48 -31.35 12.12
C GLN C 18 4.31 -31.27 11.14
N THR C 19 3.06 -31.46 11.65
CA THR C 19 1.81 -31.47 10.86
C THR C 19 1.09 -30.11 10.83
N HIS C 20 0.36 -29.84 9.72
CA HIS C 20 -0.41 -28.58 9.53
C HIS C 20 -1.46 -28.42 10.64
N ALA C 21 -2.16 -29.52 10.99
CA ALA C 21 -3.20 -29.55 12.01
C ALA C 21 -2.66 -29.10 13.34
N ALA C 22 -1.44 -29.58 13.72
CA ALA C 22 -0.78 -29.24 14.98
C ALA C 22 -0.48 -27.74 15.03
N ARG C 23 0.01 -27.13 13.93
CA ARG C 23 0.37 -25.72 13.87
C ARG C 23 -0.88 -24.88 13.94
N MET C 24 -1.94 -25.26 13.19
CA MET C 24 -3.22 -24.56 13.20
C MET C 24 -3.79 -24.44 14.64
N ARG C 25 -3.68 -25.52 15.42
CA ARG C 25 -4.13 -25.57 16.80
C ARG C 25 -3.45 -24.48 17.65
N THR C 26 -2.19 -24.13 17.33
CA THR C 26 -1.43 -23.13 18.09
C THR C 26 -2.00 -21.74 17.89
N PHE C 27 -2.75 -21.51 16.81
CA PHE C 27 -3.32 -20.19 16.51
C PHE C 27 -4.66 -19.93 17.18
N MET C 28 -5.08 -20.80 18.09
CA MET C 28 -6.33 -20.65 18.86
C MET C 28 -6.37 -19.33 19.64
N TYR C 29 -5.22 -18.88 20.16
CA TYR C 29 -5.08 -17.65 20.93
C TYR C 29 -4.30 -16.58 20.11
N TRP C 30 -4.35 -16.67 18.76
CA TRP C 30 -3.69 -15.74 17.83
C TRP C 30 -4.46 -14.41 17.89
N PRO C 31 -3.79 -13.25 18.07
CA PRO C 31 -4.53 -12.00 18.19
C PRO C 31 -5.38 -11.66 16.96
N SER C 32 -6.70 -11.44 17.19
CA SER C 32 -7.64 -11.12 16.11
C SER C 32 -7.24 -9.85 15.32
N SER C 33 -6.42 -8.98 15.95
CA SER C 33 -5.91 -7.73 15.38
C SER C 33 -4.81 -7.89 14.29
N VAL C 34 -4.10 -9.06 14.26
CA VAL C 34 -3.02 -9.35 13.29
C VAL C 34 -3.55 -9.55 11.86
N PRO C 35 -3.04 -8.80 10.84
CA PRO C 35 -3.58 -8.91 9.46
C PRO C 35 -3.13 -10.08 8.58
N VAL C 36 -2.54 -11.11 9.18
CA VAL C 36 -2.14 -12.31 8.45
C VAL C 36 -3.02 -13.44 9.01
N GLN C 37 -3.43 -14.38 8.15
CA GLN C 37 -4.27 -15.47 8.64
C GLN C 37 -3.49 -16.72 9.07
N PRO C 38 -3.91 -17.38 10.19
CA PRO C 38 -3.27 -18.63 10.61
C PRO C 38 -3.04 -19.67 9.51
N GLU C 39 -4.07 -19.97 8.70
CA GLU C 39 -4.02 -20.92 7.56
C GLU C 39 -2.85 -20.66 6.59
N GLN C 40 -2.58 -19.38 6.26
CA GLN C 40 -1.46 -18.95 5.40
C GLN C 40 -0.14 -19.23 6.11
N LEU C 41 -0.06 -18.92 7.44
CA LEU C 41 1.16 -19.09 8.20
C LEU C 41 1.45 -20.57 8.48
N ALA C 42 0.46 -21.36 9.02
CA ALA C 42 0.53 -22.79 9.31
C ALA C 42 0.98 -23.53 8.05
N SER C 43 0.54 -23.04 6.86
CA SER C 43 0.96 -23.63 5.60
C SER C 43 2.43 -23.35 5.34
N ALA C 44 2.96 -22.18 5.78
CA ALA C 44 4.38 -21.86 5.56
C ALA C 44 5.31 -22.50 6.60
N GLY C 45 4.77 -23.43 7.40
CA GLY C 45 5.51 -24.14 8.46
C GLY C 45 5.60 -23.43 9.78
N PHE C 46 4.88 -22.34 9.96
CA PHE C 46 4.94 -21.61 11.21
C PHE C 46 3.90 -22.06 12.20
N TYR C 47 4.18 -21.85 13.47
CA TYR C 47 3.26 -22.06 14.57
C TYR C 47 3.42 -20.89 15.56
N TYR C 48 2.33 -20.60 16.30
CA TYR C 48 2.30 -19.51 17.25
C TYR C 48 3.03 -19.87 18.52
N VAL C 49 3.93 -19.01 19.00
CA VAL C 49 4.68 -19.30 20.23
C VAL C 49 3.91 -19.01 21.48
N GLY C 50 2.90 -18.16 21.40
CA GLY C 50 2.05 -17.82 22.52
C GLY C 50 2.24 -16.41 23.03
N ARG C 51 3.23 -15.76 22.49
CA ARG C 51 3.41 -14.40 22.84
C ARG C 51 3.51 -13.53 21.62
N ASN C 52 2.70 -12.49 21.60
CA ASN C 52 2.92 -11.33 20.79
C ASN C 52 2.87 -11.41 19.29
N ASP C 53 2.32 -12.44 18.70
CA ASP C 53 2.32 -12.50 17.24
C ASP C 53 3.61 -13.00 16.64
N ASP C 54 4.53 -13.40 17.49
CA ASP C 54 5.72 -14.22 17.27
C ASP C 54 5.38 -15.63 16.81
N VAL C 55 5.87 -15.98 15.61
CA VAL C 55 5.74 -17.33 15.03
C VAL C 55 7.14 -17.96 14.80
N LYS C 56 7.26 -19.28 14.98
CA LYS C 56 8.49 -20.01 14.68
C LYS C 56 8.25 -21.11 13.61
N CYS C 57 9.26 -21.45 12.80
CA CYS C 57 9.17 -22.53 11.81
C CYS C 57 9.56 -23.84 12.50
N PHE C 58 8.71 -24.87 12.43
CA PHE C 58 8.93 -26.17 13.07
C PHE C 58 10.23 -26.85 12.65
N CYS C 59 10.74 -26.50 11.46
CA CYS C 59 11.92 -27.10 10.87
C CYS C 59 13.22 -26.36 11.18
N CYS C 60 13.42 -25.15 10.64
CA CYS C 60 14.62 -24.33 10.83
C CYS C 60 14.71 -23.61 12.16
N ASP C 61 13.63 -23.59 12.95
CA ASP C 61 13.51 -22.84 14.19
C ASP C 61 13.51 -21.30 13.98
N GLY C 62 13.29 -20.87 12.73
CA GLY C 62 13.26 -19.46 12.36
C GLY C 62 12.09 -18.75 12.96
N GLY C 63 12.32 -17.60 13.55
CA GLY C 63 11.28 -16.78 14.17
C GLY C 63 10.95 -15.52 13.39
N LEU C 64 9.65 -15.20 13.23
CA LEU C 64 9.19 -13.99 12.56
C LEU C 64 8.13 -13.30 13.40
N ARG C 65 8.10 -11.99 13.33
CA ARG C 65 7.15 -11.16 14.06
C ARG C 65 6.84 -9.85 13.29
N CYS C 66 6.01 -8.99 13.90
CA CYS C 66 5.61 -7.70 13.34
C CYS C 66 4.92 -7.78 12.00
N TRP C 67 4.03 -8.78 11.88
CA TRP C 67 3.23 -9.06 10.69
C TRP C 67 2.34 -7.91 10.30
N GLU C 68 2.58 -7.38 9.10
CA GLU C 68 1.86 -6.25 8.49
C GLU C 68 0.92 -6.78 7.43
N SER C 69 0.01 -5.93 6.99
CA SER C 69 -0.97 -6.25 5.96
C SER C 69 -0.26 -6.50 4.62
N GLY C 70 -0.63 -7.58 3.95
CA GLY C 70 -0.03 -7.90 2.66
C GLY C 70 1.21 -8.74 2.72
N ASP C 71 1.74 -9.01 3.94
CA ASP C 71 2.93 -9.85 4.17
C ASP C 71 2.67 -11.29 3.75
N ASP C 72 3.50 -11.86 2.83
CA ASP C 72 3.34 -13.25 2.38
C ASP C 72 4.27 -14.17 3.19
N PRO C 73 3.70 -15.05 4.04
CA PRO C 73 4.54 -15.93 4.87
C PRO C 73 5.64 -16.68 4.13
N TRP C 74 5.36 -17.22 2.92
CA TRP C 74 6.35 -17.95 2.16
C TRP C 74 7.49 -17.06 1.71
N VAL C 75 7.18 -15.82 1.29
CA VAL C 75 8.16 -14.83 0.84
C VAL C 75 9.07 -14.44 2.01
N GLU C 76 8.47 -14.20 3.22
CA GLU C 76 9.18 -13.82 4.43
C GLU C 76 10.10 -14.95 4.90
N HIS C 77 9.61 -16.21 4.79
CA HIS C 77 10.38 -17.41 5.15
C HIS C 77 11.66 -17.47 4.29
N ALA C 78 11.53 -17.24 2.93
CA ALA C 78 12.57 -17.24 1.91
C ALA C 78 13.52 -16.05 2.03
N LYS C 79 12.98 -14.90 2.43
CA LYS C 79 13.65 -13.63 2.63
C LYS C 79 14.66 -13.71 3.81
N TRP C 80 14.26 -14.31 4.96
CA TRP C 80 15.07 -14.37 6.20
C TRP C 80 15.76 -15.69 6.51
N PHE C 81 15.12 -16.82 6.19
CA PHE C 81 15.61 -18.18 6.45
C PHE C 81 15.73 -18.97 5.13
N PRO C 82 16.57 -18.49 4.15
CA PRO C 82 16.64 -19.16 2.86
C PRO C 82 17.21 -20.57 2.89
N ARG C 83 17.90 -20.95 3.98
CA ARG C 83 18.46 -22.28 4.05
C ARG C 83 17.53 -23.35 4.64
N CYS C 84 16.32 -22.97 5.08
CA CYS C 84 15.33 -23.90 5.66
C CYS C 84 15.01 -25.05 4.74
N GLU C 85 15.22 -26.29 5.20
CA GLU C 85 14.96 -27.44 4.35
C GLU C 85 13.50 -27.67 4.01
N PHE C 86 12.58 -27.20 4.87
CA PHE C 86 11.14 -27.34 4.64
C PHE C 86 10.70 -26.35 3.54
N LEU C 87 11.11 -25.07 3.67
CA LEU C 87 10.85 -24.02 2.68
C LEU C 87 11.34 -24.49 1.31
N ILE C 88 12.56 -25.08 1.22
CA ILE C 88 13.11 -25.61 -0.02
C ILE C 88 12.30 -26.80 -0.58
N ARG C 89 11.94 -27.80 0.24
CA ARG C 89 11.14 -28.94 -0.27
C ARG C 89 9.76 -28.48 -0.73
N MET C 90 9.21 -27.42 -0.09
CA MET C 90 7.88 -26.88 -0.40
C MET C 90 7.79 -25.89 -1.55
N LYS C 91 8.72 -24.94 -1.58
CA LYS C 91 8.75 -23.88 -2.58
C LYS C 91 9.85 -23.98 -3.64
N GLY C 92 10.92 -24.70 -3.34
CA GLY C 92 12.01 -24.92 -4.30
C GLY C 92 13.10 -23.87 -4.32
N GLN C 93 14.30 -24.28 -4.77
CA GLN C 93 15.48 -23.43 -4.84
C GLN C 93 15.29 -22.24 -5.75
N GLU C 94 14.56 -22.39 -6.88
CA GLU C 94 14.30 -21.30 -7.82
C GLU C 94 13.54 -20.15 -7.13
N PHE C 95 12.45 -20.46 -6.38
CA PHE C 95 11.69 -19.46 -5.63
C PHE C 95 12.59 -18.77 -4.61
N VAL C 96 13.32 -19.55 -3.80
CA VAL C 96 14.21 -19.02 -2.77
C VAL C 96 15.24 -18.07 -3.40
N ASP C 97 15.86 -18.47 -4.52
CA ASP C 97 16.86 -17.69 -5.25
C ASP C 97 16.26 -16.39 -5.80
N GLU C 98 14.97 -16.44 -6.24
CA GLU C 98 14.25 -15.28 -6.77
C GLU C 98 14.05 -14.21 -5.68
N ILE C 99 13.52 -14.62 -4.50
CA ILE C 99 13.28 -13.76 -3.35
C ILE C 99 14.61 -13.19 -2.85
N GLN C 100 15.66 -14.03 -2.81
CA GLN C 100 16.99 -13.59 -2.38
C GLN C 100 17.56 -12.51 -3.33
N GLY C 101 17.20 -12.61 -4.60
CA GLY C 101 17.60 -11.66 -5.62
C GLY C 101 16.85 -10.34 -5.47
N ARG C 102 15.61 -10.40 -4.96
CA ARG C 102 14.75 -9.22 -4.77
C ARG C 102 15.23 -8.37 -3.60
N TYR C 103 15.88 -8.99 -2.61
CA TYR C 103 16.35 -8.31 -1.39
C TYR C 103 17.81 -8.69 -1.19
N PRO C 104 18.75 -8.20 -2.00
CA PRO C 104 20.14 -8.69 -1.88
C PRO C 104 21.07 -8.03 -0.85
N HIS C 105 20.54 -7.23 0.06
CA HIS C 105 21.35 -6.51 1.05
C HIS C 105 20.85 -6.64 2.48
N LEU C 106 20.06 -7.66 2.75
CA LEU C 106 19.29 -7.72 3.99
C LEU C 106 20.12 -7.68 5.25
N LEU C 107 21.25 -8.36 5.25
CA LEU C 107 22.08 -8.34 6.44
C LEU C 107 22.55 -6.93 6.67
N GLU C 108 22.99 -6.29 5.62
CA GLU C 108 23.52 -4.96 5.74
C GLU C 108 22.45 -4.03 6.22
N GLN C 109 21.23 -4.23 5.77
CA GLN C 109 20.18 -3.30 6.15
C GLN C 109 19.96 -3.27 7.66
N LEU C 110 19.85 -4.41 8.31
CA LEU C 110 19.89 -4.39 9.78
C LEU C 110 21.37 -4.44 10.15
N LEU C 111 22.00 -3.26 10.11
CA LEU C 111 23.42 -3.00 10.35
C LEU C 111 23.75 -1.52 9.99
N ARG D 9 38.05 12.62 -5.28
CA ARG D 9 38.24 12.31 -3.89
C ARG D 9 37.71 10.93 -3.58
N PHE D 10 37.10 10.84 -2.41
CA PHE D 10 36.44 9.66 -1.91
C PHE D 10 35.16 10.15 -1.27
N SER D 11 34.23 9.26 -1.01
CA SER D 11 33.01 9.67 -0.32
C SER D 11 33.11 9.29 1.14
N ILE D 12 33.04 10.26 2.02
CA ILE D 12 33.16 9.95 3.43
C ILE D 12 31.96 10.44 4.18
N SER D 13 31.40 9.57 5.01
CA SER D 13 30.26 9.94 5.82
C SER D 13 30.69 11.04 6.79
N ASN D 14 31.88 10.91 7.34
CA ASN D 14 32.34 11.93 8.28
C ASN D 14 33.71 12.47 7.81
N LEU D 15 33.70 13.59 7.07
CA LEU D 15 34.89 14.24 6.50
C LEU D 15 35.90 14.69 7.57
N SER D 16 35.41 15.11 8.76
CA SER D 16 36.23 15.59 9.88
C SER D 16 37.30 14.63 10.39
N MET D 17 37.06 13.30 10.31
CA MET D 17 38.04 12.29 10.73
C MET D 17 38.75 11.73 9.48
N GLN D 18 39.29 12.63 8.64
CA GLN D 18 40.00 12.33 7.39
C GLN D 18 41.33 11.60 7.58
N THR D 19 42.10 12.01 8.62
CA THR D 19 43.47 11.55 8.89
C THR D 19 43.67 10.68 10.14
N HIS D 20 44.76 9.87 10.15
CA HIS D 20 45.15 8.99 11.27
C HIS D 20 45.39 9.81 12.55
N ALA D 21 46.07 10.97 12.42
CA ALA D 21 46.39 11.88 13.52
C ALA D 21 45.12 12.37 14.22
N ALA D 22 44.10 12.74 13.41
CA ALA D 22 42.82 13.21 13.93
C ALA D 22 42.10 12.11 14.71
N ARG D 23 42.11 10.86 14.18
CA ARG D 23 41.45 9.69 14.79
C ARG D 23 42.20 9.08 16.00
N MET D 24 43.51 9.42 16.16
CA MET D 24 44.36 9.07 17.31
C MET D 24 43.94 9.97 18.48
N ARG D 25 43.52 11.24 18.19
CA ARG D 25 43.03 12.20 19.20
C ARG D 25 41.80 11.63 19.93
N THR D 26 40.90 10.93 19.19
CA THR D 26 39.67 10.31 19.69
C THR D 26 39.84 9.13 20.69
N PHE D 27 41.07 8.56 20.81
CA PHE D 27 41.36 7.46 21.75
C PHE D 27 42.02 7.88 23.06
N MET D 28 42.12 9.22 23.28
CA MET D 28 42.67 9.87 24.47
C MET D 28 42.15 9.27 25.76
N TYR D 29 40.87 8.87 25.78
CA TYR D 29 40.19 8.26 26.92
C TYR D 29 39.87 6.75 26.69
N TRP D 30 40.92 5.87 26.72
CA TRP D 30 40.78 4.42 26.47
C TRP D 30 41.15 3.48 27.65
N PRO D 31 40.28 2.48 27.96
CA PRO D 31 40.59 1.52 29.05
C PRO D 31 41.75 0.56 28.76
N SER D 32 42.68 0.45 29.73
CA SER D 32 43.92 -0.32 29.67
C SER D 32 43.76 -1.83 29.66
N SER D 33 42.64 -2.33 30.21
CA SER D 33 42.31 -3.75 30.31
C SER D 33 41.93 -4.45 28.97
N VAL D 34 41.46 -3.69 27.96
CA VAL D 34 41.04 -4.22 26.64
C VAL D 34 42.27 -4.73 25.83
N PRO D 35 42.23 -5.99 25.31
CA PRO D 35 43.41 -6.53 24.60
C PRO D 35 43.68 -6.09 23.15
N VAL D 36 43.11 -4.93 22.73
CA VAL D 36 43.38 -4.30 21.42
C VAL D 36 43.73 -2.83 21.67
N GLN D 37 45.00 -2.49 21.33
CA GLN D 37 45.67 -1.18 21.48
C GLN D 37 45.33 -0.20 20.37
N PRO D 38 45.01 1.08 20.71
CA PRO D 38 44.61 2.07 19.69
C PRO D 38 45.49 2.37 18.45
N GLU D 39 46.54 1.56 18.23
CA GLU D 39 47.39 1.67 17.05
C GLU D 39 46.59 1.09 15.87
N GLN D 40 46.28 -0.23 15.95
CA GLN D 40 45.51 -0.99 14.93
C GLN D 40 44.14 -0.39 14.67
N LEU D 41 43.44 0.06 15.73
CA LEU D 41 42.12 0.67 15.68
C LEU D 41 41.98 1.86 14.71
N ALA D 42 42.97 2.79 14.68
CA ALA D 42 42.97 3.99 13.81
C ALA D 42 43.66 3.74 12.48
N SER D 43 44.62 2.78 12.44
CA SER D 43 45.32 2.34 11.23
C SER D 43 44.36 1.57 10.34
N ALA D 44 43.42 0.79 10.96
CA ALA D 44 42.37 0.05 10.26
C ALA D 44 41.18 0.98 9.94
N GLY D 45 41.16 2.17 10.56
CA GLY D 45 40.17 3.21 10.27
C GLY D 45 39.17 3.65 11.34
N PHE D 46 39.01 2.90 12.45
CA PHE D 46 38.03 3.19 13.48
C PHE D 46 38.46 4.24 14.49
N TYR D 47 37.63 5.27 14.66
CA TYR D 47 37.77 6.32 15.68
C TYR D 47 36.78 6.04 16.84
N TYR D 48 36.99 6.66 18.03
CA TYR D 48 36.12 6.46 19.20
C TYR D 48 35.09 7.57 19.36
N VAL D 49 33.79 7.19 19.35
CA VAL D 49 32.63 8.09 19.49
C VAL D 49 32.38 8.64 20.91
N GLY D 50 32.48 7.78 21.93
CA GLY D 50 32.26 8.20 23.32
C GLY D 50 32.25 7.05 24.30
N ASN D 52 31.74 1.37 25.95
CA ASN D 52 32.51 0.16 26.25
C ASN D 52 33.81 0.27 25.47
N ASP D 53 33.96 -0.57 24.42
CA ASP D 53 35.09 -0.56 23.51
C ASP D 53 34.57 -0.36 22.05
N ASP D 54 33.46 0.41 21.91
CA ASP D 54 32.78 0.74 20.64
C ASP D 54 33.64 1.58 19.68
N VAL D 55 34.07 0.94 18.58
CA VAL D 55 34.89 1.56 17.53
C VAL D 55 34.06 1.78 16.26
N LYS D 56 34.04 3.04 15.75
CA LYS D 56 33.30 3.46 14.54
C LYS D 56 34.21 4.04 13.38
N CYS D 57 34.38 3.25 12.27
CA CYS D 57 35.17 3.60 11.07
C CYS D 57 34.72 4.93 10.46
N PHE D 58 35.70 5.74 10.00
CA PHE D 58 35.49 7.06 9.41
C PHE D 58 34.86 7.05 8.03
N CYS D 59 35.09 5.96 7.27
CA CYS D 59 34.64 5.79 5.90
C CYS D 59 33.28 5.14 5.76
N CYS D 60 33.17 3.84 6.12
CA CYS D 60 31.90 3.11 5.99
C CYS D 60 30.90 3.33 7.13
N ASP D 61 31.33 4.03 8.20
CA ASP D 61 30.55 4.30 9.41
C ASP D 61 30.33 3.02 10.23
N GLY D 62 30.99 1.93 9.85
CA GLY D 62 30.87 0.63 10.51
C GLY D 62 31.31 0.60 11.95
N GLY D 63 30.40 0.25 12.84
CA GLY D 63 30.67 0.18 14.27
C GLY D 63 30.94 -1.23 14.76
N LEU D 64 32.13 -1.45 15.39
CA LEU D 64 32.52 -2.74 15.97
C LEU D 64 32.70 -2.65 17.50
N ARG D 65 32.55 -3.79 18.22
CA ARG D 65 32.72 -3.85 19.69
C ARG D 65 33.09 -5.25 20.23
N CYS D 66 33.08 -5.42 21.59
CA CYS D 66 33.41 -6.65 22.32
C CYS D 66 34.69 -7.30 21.79
N TRP D 67 35.81 -6.66 22.12
CA TRP D 67 37.15 -7.02 21.71
C TRP D 67 37.86 -8.07 22.58
N GLU D 68 38.30 -9.17 21.95
CA GLU D 68 39.05 -10.27 22.59
C GLU D 68 40.52 -10.31 22.12
N SER D 69 41.38 -11.08 22.82
CA SER D 69 42.81 -11.18 22.51
C SER D 69 43.05 -11.91 21.20
N GLY D 70 43.94 -11.35 20.38
CA GLY D 70 44.28 -11.92 19.08
C GLY D 70 43.39 -11.45 17.94
N ASP D 71 42.37 -10.62 18.24
CA ASP D 71 41.44 -10.05 17.26
C ASP D 71 42.17 -9.03 16.39
N ASP D 72 42.18 -9.22 15.06
CA ASP D 72 42.87 -8.33 14.11
C ASP D 72 41.89 -7.33 13.51
N PRO D 73 42.05 -6.03 13.83
CA PRO D 73 41.12 -5.02 13.29
C PRO D 73 40.87 -5.05 11.78
N TRP D 74 41.91 -5.29 10.96
CA TRP D 74 41.75 -5.38 9.52
C TRP D 74 40.89 -6.58 9.12
N VAL D 75 41.09 -7.74 9.79
CA VAL D 75 40.32 -8.95 9.53
C VAL D 75 38.84 -8.74 9.90
N GLU D 76 38.59 -8.11 11.06
CA GLU D 76 37.24 -7.81 11.56
C GLU D 76 36.53 -6.82 10.63
N HIS D 77 37.26 -5.82 10.11
CA HIS D 77 36.75 -4.82 9.17
C HIS D 77 36.23 -5.54 7.91
N ALA D 78 37.02 -6.45 7.33
CA ALA D 78 36.67 -7.22 6.13
C ALA D 78 35.59 -8.28 6.37
N LYS D 79 35.61 -8.87 7.58
CA LYS D 79 34.67 -9.88 8.05
C LYS D 79 33.22 -9.32 8.09
N TRP D 80 33.03 -8.09 8.64
CA TRP D 80 31.71 -7.47 8.83
C TRP D 80 31.29 -6.40 7.82
N PHE D 81 32.27 -5.59 7.34
CA PHE D 81 32.04 -4.47 6.41
C PHE D 81 32.88 -4.67 5.13
N PRO D 82 32.65 -5.77 4.37
CA PRO D 82 33.50 -6.04 3.20
C PRO D 82 33.38 -5.03 2.05
N ARG D 83 32.32 -4.21 2.04
CA ARG D 83 32.12 -3.24 0.97
C ARG D 83 32.77 -1.88 1.24
N CYS D 84 33.42 -1.69 2.42
CA CYS D 84 34.10 -0.43 2.78
C CYS D 84 35.15 -0.04 1.75
N GLU D 85 35.01 1.14 1.14
CA GLU D 85 35.97 1.58 0.13
C GLU D 85 37.38 1.86 0.66
N PHE D 86 37.51 2.20 1.96
CA PHE D 86 38.81 2.43 2.58
C PHE D 86 39.53 1.09 2.78
N LEU D 87 38.84 0.10 3.37
CA LEU D 87 39.35 -1.26 3.57
C LEU D 87 39.86 -1.82 2.24
N ILE D 88 39.08 -1.65 1.13
CA ILE D 88 39.47 -2.10 -0.20
C ILE D 88 40.70 -1.37 -0.74
N ARG D 89 40.75 -0.02 -0.66
CA ARG D 89 41.95 0.71 -1.15
C ARG D 89 43.22 0.33 -0.36
N MET D 90 43.05 0.02 0.94
CA MET D 90 44.14 -0.31 1.84
C MET D 90 44.62 -1.74 1.81
N LYS D 91 43.68 -2.70 1.84
CA LYS D 91 43.97 -4.13 1.88
C LYS D 91 43.74 -4.92 0.58
N GLY D 92 42.91 -4.38 -0.32
CA GLY D 92 42.64 -5.00 -1.61
C GLY D 92 41.55 -6.04 -1.64
N GLN D 93 40.95 -6.24 -2.82
CA GLN D 93 39.88 -7.20 -3.05
C GLN D 93 40.25 -8.65 -2.72
N GLU D 94 41.51 -9.08 -3.00
CA GLU D 94 41.96 -10.43 -2.69
C GLU D 94 41.85 -10.73 -1.19
N PHE D 95 42.36 -9.81 -0.33
CA PHE D 95 42.30 -9.96 1.12
C PHE D 95 40.84 -10.04 1.57
N VAL D 96 40.00 -9.08 1.12
CA VAL D 96 38.58 -9.04 1.48
C VAL D 96 37.89 -10.35 1.10
N ASP D 97 38.12 -10.85 -0.14
CA ASP D 97 37.56 -12.10 -0.64
C ASP D 97 38.03 -13.32 0.17
N GLU D 98 39.30 -13.30 0.65
CA GLU D 98 39.90 -14.36 1.46
C GLU D 98 39.18 -14.48 2.79
N ILE D 99 39.04 -13.36 3.52
CA ILE D 99 38.36 -13.27 4.82
C ILE D 99 36.89 -13.67 4.66
N GLN D 100 36.23 -13.22 3.58
CA GLN D 100 34.84 -13.57 3.30
C GLN D 100 34.68 -15.07 3.06
N GLY D 101 35.72 -15.70 2.51
CA GLY D 101 35.75 -17.13 2.28
C GLY D 101 35.94 -17.90 3.57
N ARG D 102 36.66 -17.29 4.55
CA ARG D 102 36.92 -17.89 5.86
C ARG D 102 35.67 -17.87 6.74
N TYR D 103 34.77 -16.88 6.53
CA TYR D 103 33.49 -16.72 7.24
C TYR D 103 32.34 -16.66 6.20
N PRO D 104 31.94 -17.79 5.59
CA PRO D 104 30.93 -17.70 4.51
C PRO D 104 29.45 -17.67 4.88
N HIS D 105 29.09 -17.47 6.18
CA HIS D 105 27.68 -17.43 6.60
C HIS D 105 27.36 -16.54 7.83
N LEU D 106 27.87 -15.29 7.88
CA LEU D 106 27.64 -14.37 9.01
C LEU D 106 26.20 -14.08 9.35
N LEU D 107 25.37 -13.67 8.36
CA LEU D 107 23.94 -13.35 8.54
C LEU D 107 23.26 -14.53 9.20
N GLU D 108 23.45 -15.74 8.63
CA GLU D 108 22.88 -16.98 9.16
C GLU D 108 23.43 -17.32 10.57
N GLN D 109 24.75 -17.04 10.83
CA GLN D 109 25.42 -17.22 12.11
C GLN D 109 24.74 -16.27 13.10
N LEU D 110 24.65 -14.96 12.74
CA LEU D 110 24.00 -13.93 13.57
C LEU D 110 22.55 -14.18 14.00
N LEU D 111 21.64 -14.57 13.07
CA LEU D 111 20.21 -14.85 13.39
C LEU D 111 19.92 -16.15 14.15
ZN ZN E . -22.36 19.73 -20.04
C BMB F . -33.14 15.11 -28.78
N BMB F . -35.37 14.33 -28.28
O BMB F . -32.40 14.21 -28.36
CA BMB F . -34.43 15.45 -28.06
CB BMB F . -34.17 15.69 -26.55
CAA BMB F . -32.97 16.63 -26.32
CAB BMB F . -35.00 13.12 -27.53
OAD BMB F . -29.28 18.84 -32.31
OAE BMB F . -31.01 17.86 -29.72
CAF BMB F . -36.30 9.48 -30.82
CAG BMB F . -28.52 24.89 -29.30
CAH BMB F . -25.41 21.19 -35.02
CAI BMB F . -37.38 10.04 -31.52
CAJ BMB F . -35.07 10.16 -30.80
CAK BMB F . -29.38 23.81 -29.10
CAL BMB F . -27.56 24.84 -30.29
CAM BMB F . -26.76 20.88 -35.22
CAN BMB F . -24.96 21.54 -33.74
CAO BMB F . -37.22 11.25 -32.21
CAP BMB F . -34.92 11.37 -31.49
CAQ BMB F . -29.25 22.68 -29.91
CAR BMB F . -27.44 23.70 -31.09
CAS BMB F . -27.64 20.96 -34.15
CAT BMB F . -25.83 21.59 -32.66
CAV BMB F . -34.06 14.83 -33.23
CAW BMB F . -33.22 15.95 -32.59
CAX BMB F . -30.67 15.87 -32.94
CAY BMB F . -29.38 15.10 -32.57
CAZ BMB F . -27.34 16.22 -31.72
CBA BMB F . -27.03 17.17 -30.57
CBB BMB F . -35.85 13.26 -32.96
NBD BMB F . -34.99 14.23 -32.26
NBE BMB F . -32.88 15.88 -29.81
NBF BMB F . -28.04 20.13 -30.91
CBH BMB F . -28.60 18.98 -31.28
CBI BMB F . -30.64 16.83 -30.29
CBJ BMB F . -36.00 11.93 -32.18
CBK BMB F . -28.28 22.61 -30.89
CBL BMB F . -27.18 21.33 -32.88
CBM BMB F . -31.87 15.41 -32.07
CBO BMB F . -28.66 15.62 -31.30
CBP BMB F . -28.38 17.81 -30.33
CBQ BMB F . -31.64 15.69 -30.57
CBR BMB F . -28.19 21.34 -31.74
NBS BMB F . -29.35 16.74 -30.62
ZN ZN G . -12.95 5.87 -0.65
C BMB H . -21.30 -1.21 8.89
N BMB H . -23.00 -2.94 8.59
O BMB H . -21.81 -0.18 8.46
CA BMB H . -21.62 -2.56 8.27
CB BMB H . -21.34 -2.51 6.75
CAA BMB H . -19.99 -1.85 6.40
CAB BMB H . -23.98 -2.12 7.84
OAD BMB H . -16.05 0.90 12.06
OAE BMB H . -17.86 -0.41 9.61
CAF BMB H . -27.62 -3.93 12.78
CAG BMB H . -10.47 -1.19 8.78
CAH BMB H . -12.07 3.76 14.17
CAI BMB H . -26.99 -4.57 13.84
CAJ BMB H . -26.88 -3.08 11.93
CAK BMB H . -11.82 -1.52 8.70
CAL BMB H . -10.05 -0.20 9.68
CAM BMB H . -12.80 2.64 14.58
CAN BMB H . -11.78 3.94 12.81
CAO BMB H . -25.61 -4.40 14.00
CAP BMB H . -25.51 -2.90 12.11
CAQ BMB H . -12.74 -0.86 9.54
CAR BMB H . -10.97 0.45 10.51
CAS BMB H . -13.21 1.70 13.63
CAT BMB H . -12.19 3.01 11.87
CAV BMB H . -21.83 -1.59 13.39
CAW BMB H . -20.45 -1.41 12.75
CAX BMB H . -19.34 0.87 12.88
CAY BMB H . -19.46 2.35 12.47
CAZ BMB H . -17.65 3.71 11.44
CBA BMB H . -16.72 3.51 10.23
CBB BMB H . -23.34 -3.39 13.40
NBD BMB H . -22.72 -2.38 12.53
NBE BMB H . -20.43 -1.24 9.90
NBF BMB H . -14.46 1.40 10.51
CBH BMB H . -15.71 1.38 10.97
CBI BMB H . -18.58 0.38 10.21
CBJ BMB H . -24.86 -3.55 13.17
CBK BMB H . -12.32 0.13 10.43
CBL BMB H . -12.86 1.86 12.30
CBM BMB H . -20.33 -0.01 12.11
CBO BMB H . -18.78 2.72 11.15
CBP BMB H . -16.74 1.99 10.05
CBQ BMB H . -20.02 -0.02 10.58
CBR BMB H . -13.37 0.82 11.31
NBS BMB H . -18.09 1.59 10.49
ZN ZN I . 11.80 -22.75 8.18
C BMB J . 8.91 -8.53 9.18
N BMB J . 7.03 -7.23 8.38
O BMB J . 9.55 -8.82 8.17
CA BMB J . 7.40 -8.43 9.15
CB BMB J . 6.80 -9.72 8.56
CAA BMB J . 7.41 -10.97 9.17
CAB BMB J . 7.28 -7.39 6.93
OAD BMB J . 12.91 -10.10 14.05
OAE BMB J . 10.39 -10.40 11.89
CAF BMB J . 8.85 -2.76 5.62
CAG BMB J . 10.24 -15.35 17.51
CAH BMB J . 16.81 -11.74 17.24
CAI BMB J . 8.21 -1.90 6.52
CAJ BMB J . 9.64 -3.80 6.10
CAK BMB J . 9.75 -14.47 16.54
CAL BMB J . 11.56 -15.23 17.94
CAM BMB J . 15.93 -10.67 17.21
CAN BMB J . 16.39 -13.01 16.80
CAO BMB J . 8.38 -2.08 7.89
CAP BMB J . 9.81 -3.97 7.49
CAQ BMB J . 10.59 -13.49 16.01
CAR BMB J . 12.40 -14.23 17.41
CAS BMB J . 14.63 -10.87 16.74
CAT BMB J . 15.10 -13.20 16.29
CAV BMB J . 10.56 -4.83 11.29
CAW BMB J . 10.64 -6.24 11.90
CAX BMB J . 12.85 -7.48 11.90
CAY BMB J . 13.91 -8.13 11.00
CAZ BMB J . 14.85 -10.42 11.39
CBA BMB J . 14.24 -11.81 11.58
CBB BMB J . 9.32 -3.29 9.93
NBD BMB J . 9.43 -4.70 10.35
NBE BMB J . 9.46 -8.34 10.37
NBF BMB J . 12.81 -12.34 14.32
CBH BMB J . 12.87 -11.24 13.59
CBI BMB J . 11.28 -9.74 11.33
CBJ BMB J . 9.16 -3.13 8.39
CBK BMB J . 11.92 -13.36 16.42
CBL BMB J . 14.21 -12.13 16.31
CBM BMB J . 11.59 -7.16 11.09
CBO BMB J . 13.72 -9.64 10.74
CBP BMB J . 12.85 -11.47 12.07
CBQ BMB J . 10.92 -8.45 10.55
CBR BMB J . 12.79 -12.26 15.79
NBS BMB J . 12.52 -10.22 11.37
ZN ZN K . 35.34 0.86 7.02
C BMB L . 33.40 -9.25 17.33
N BMB L . 35.38 -10.02 18.69
O BMB L . 33.23 -10.36 16.79
CA BMB L . 34.69 -8.87 18.04
CB BMB L . 35.61 -8.07 17.10
CAA BMB L . 35.12 -6.62 16.95
CAB BMB L . 35.89 -11.01 17.73
OAD BMB L . 28.19 -5.21 17.07
OAE BMB L . 30.87 -6.03 16.87
CAF BMB L . 34.17 -16.18 20.19
CAG BMB L . 29.51 0.14 17.96
CAH BMB L . 23.49 -3.91 18.53
CAI BMB L . 33.22 -16.23 21.22
CAJ BMB L . 34.10 -15.14 19.26
CAK BMB L . 29.78 -1.21 18.11
CAL BMB L . 28.42 0.57 17.21
CAM BMB L . 24.13 -4.87 17.75
CAN BMB L . 23.94 -2.59 18.52
CAO BMB L . 32.22 -15.26 21.32
CAP BMB L . 33.10 -14.17 19.35
CAQ BMB L . 28.94 -2.16 17.50
CAR BMB L . 27.58 -0.37 16.60
CAS BMB L . 25.23 -4.52 16.95
CAT BMB L . 25.03 -2.24 17.72
CAV BMB L . 30.38 -11.35 19.06
CAW BMB L . 30.46 -9.82 18.80
CAX BMB L . 28.75 -9.17 17.01
CAY BMB L . 28.47 -9.29 15.50
CAZ BMB L . 27.82 -7.55 13.84
CBA BMB L . 28.19 -6.09 13.63
CBB BMB L . 31.03 -13.15 20.51
NBD BMB L . 31.41 -11.81 20.01
NBE BMB L . 32.47 -8.28 17.34
NBF BMB L . 27.68 -3.80 15.36
CBH BMB L . 28.24 -4.89 15.89
CBI BMB L . 30.50 -7.08 16.33
CBJ BMB L . 32.16 -14.21 20.39
CBK BMB L . 27.83 -1.74 16.76
CBL BMB L . 25.71 -3.21 16.96
CBM BMB L . 30.22 -9.50 17.31
CBO BMB L . 29.00 -8.14 14.61
CBP BMB L . 29.01 -5.73 14.87
CBQ BMB L . 31.15 -8.43 16.71
CBR BMB L . 26.91 -2.76 16.08
NBS BMB L . 29.56 -7.01 15.39
#